data_6GH0
#
_entry.id   6GH0
#
_entity_poly.entity_id   1
_entity_poly.type   'polydeoxyribonucleotide'
_entity_poly.pdbx_seq_one_letter_code
;(DG)(DG)(DC)(DG)(DA)(DG)(DG)(DA)(DG)(DG)(DG)(DG)(DC)(DG)(DT)(DG)(DG)(DC)(DC)(DG)
(DG)(DC)
;
_entity_poly.pdbx_strand_id   A
#
loop_
_chem_comp.id
_chem_comp.type
_chem_comp.name
_chem_comp.formula
DA DNA linking 2'-DEOXYADENOSINE-5'-MONOPHOSPHATE 'C10 H14 N5 O6 P'
DC DNA linking 2'-DEOXYCYTIDINE-5'-MONOPHOSPHATE 'C9 H14 N3 O7 P'
DG DNA linking 2'-DEOXYGUANOSINE-5'-MONOPHOSPHATE 'C10 H14 N5 O7 P'
DT DNA linking THYMIDINE-5'-MONOPHOSPHATE 'C10 H15 N2 O8 P'
#